data_5Y8O
#
_entry.id   5Y8O
#
_cell.length_a   129.060
_cell.length_b   129.060
_cell.length_c   70.130
_cell.angle_alpha   90.00
_cell.angle_beta   90.00
_cell.angle_gamma   120.00
#
_symmetry.space_group_name_H-M   'P 65'
#
loop_
_entity.id
_entity.type
_entity.pdbx_description
1 polymer 'Probable 3-hydroxyisobutyrate dehydrogenase'
2 non-polymer 'ACRYLIC ACID'
3 non-polymer GLYCEROL
4 non-polymer '(2~{S})-2-methylpentanedioic acid'
5 non-polymer NICOTINAMIDE-ADENINE-DINUCLEOTIDE
6 non-polymer '3-HYDROXY-PROPANOIC ACID'
7 water water
#
_entity_poly.entity_id   1
_entity_poly.type   'polypeptide(L)'
_entity_poly.pdbx_seq_one_letter_code
;MMTTIAFLGLGNMGAPMSANLVGAGHVVRGFDPAPTAASGAAAHGVAVFRSAPEAVAEADVVITMLPTGEVVRRCYTDVL
AAARPATLFIDSSTISVTDAREVHALAESHGMLQLDAPVSGGVKGAAAATLAFMVGGDESTLRRARPVLEPMAGKIIHCG
AAGAGQAAKVCNNMVLAVQQIAIAEAFVLAEKLGLSAQSLFDVITGATGNCWAVHTNCPVPGPVPTSPANNDFKPGFSTA
LMNKDLGLAMDAVAATGATAPLGSHAADIYAKFAADHADLDFSAVIHTLRARADA
;
_entity_poly.pdbx_strand_id   A,B
#
loop_
_chem_comp.id
_chem_comp.type
_chem_comp.name
_chem_comp.formula
3OH non-polymer '3-HYDROXY-PROPANOIC ACID' 'C3 H6 O3'
9ON non-polymer '(2~{S})-2-methylpentanedioic acid' 'C6 H10 O4'
AKR non-polymer 'ACRYLIC ACID' 'C3 H4 O2'
GOL non-polymer GLYCEROL 'C3 H8 O3'
NAD non-polymer NICOTINAMIDE-ADENINE-DINUCLEOTIDE 'C21 H27 N7 O14 P2'
#
# COMPACT_ATOMS: atom_id res chain seq x y z
N MET A 2 11.04 39.94 -7.06
CA MET A 2 11.11 40.97 -5.94
C MET A 2 12.24 40.69 -4.91
N THR A 3 12.41 39.40 -4.59
CA THR A 3 13.31 38.89 -3.57
C THR A 3 14.65 38.39 -4.18
N THR A 4 15.75 38.57 -3.45
CA THR A 4 17.03 37.97 -3.85
C THR A 4 17.28 36.63 -3.17
N ILE A 5 17.52 35.62 -3.97
CA ILE A 5 17.67 34.24 -3.47
C ILE A 5 19.05 33.74 -3.80
N ALA A 6 19.78 33.24 -2.78
CA ALA A 6 21.03 32.50 -3.01
C ALA A 6 20.66 31.00 -3.06
N PHE A 7 21.04 30.34 -4.18
CA PHE A 7 20.75 28.93 -4.38
C PHE A 7 22.05 28.17 -4.35
N LEU A 8 22.24 27.41 -3.27
CA LEU A 8 23.49 26.68 -3.02
C LEU A 8 23.27 25.22 -3.33
N GLY A 9 23.80 24.77 -4.48
CA GLY A 9 23.56 23.42 -5.01
C GLY A 9 22.71 23.52 -6.23
N LEU A 10 23.34 23.41 -7.40
CA LEU A 10 22.72 23.71 -8.69
C LEU A 10 22.79 22.48 -9.56
N GLY A 11 22.55 21.33 -8.93
CA GLY A 11 22.63 20.02 -9.58
C GLY A 11 21.34 19.67 -10.31
N ASN A 12 21.06 18.37 -10.45
CA ASN A 12 19.92 17.85 -11.22
C ASN A 12 18.59 18.43 -10.81
N MET A 13 18.44 18.64 -9.50
CA MET A 13 17.26 19.26 -8.93
C MET A 13 17.43 20.79 -8.82
N GLY A 14 18.56 21.21 -8.28
CA GLY A 14 18.82 22.64 -7.97
C GLY A 14 18.82 23.53 -9.20
N ALA A 15 19.40 23.03 -10.30
CA ALA A 15 19.38 23.77 -11.56
C ALA A 15 17.94 24.11 -12.04
N PRO A 16 17.04 23.12 -12.29
CA PRO A 16 15.71 23.51 -12.75
C PRO A 16 14.84 24.34 -11.74
N MET A 17 15.01 24.09 -10.45
CA MET A 17 14.33 24.82 -9.44
C MET A 17 14.75 26.26 -9.52
N SER A 18 16.05 26.50 -9.67
CA SER A 18 16.55 27.87 -9.75
C SER A 18 16.09 28.56 -11.01
N ALA A 19 16.04 27.83 -12.13
CA ALA A 19 15.44 28.38 -13.37
C ALA A 19 13.98 28.84 -13.22
N ASN A 20 13.17 28.05 -12.50
CA ASN A 20 11.83 28.47 -12.16
C ASN A 20 11.80 29.74 -11.31
N LEU A 21 12.72 29.87 -10.35
CA LEU A 21 12.77 31.10 -9.55
C LEU A 21 13.10 32.32 -10.42
N VAL A 22 14.08 32.18 -11.31
CA VAL A 22 14.37 33.22 -12.29
C VAL A 22 13.11 33.51 -13.11
N GLY A 23 12.43 32.45 -13.51
CA GLY A 23 11.19 32.55 -14.29
C GLY A 23 10.08 33.29 -13.61
N ALA A 24 10.06 33.25 -12.29
CA ALA A 24 9.05 34.01 -11.54
C ALA A 24 9.50 35.43 -11.12
N GLY A 25 10.60 35.93 -11.64
CA GLY A 25 10.98 37.31 -11.37
C GLY A 25 11.88 37.54 -10.17
N HIS A 26 12.53 36.48 -9.69
CA HIS A 26 13.49 36.60 -8.59
C HIS A 26 14.90 36.82 -9.09
N VAL A 27 15.70 37.48 -8.27
CA VAL A 27 17.13 37.61 -8.53
C VAL A 27 17.79 36.42 -7.88
N VAL A 28 18.37 35.56 -8.70
CA VAL A 28 18.93 34.29 -8.18
C VAL A 28 20.42 34.34 -8.26
N ARG A 29 21.07 34.12 -7.12
CA ARG A 29 22.51 34.08 -6.98
C ARG A 29 22.87 32.65 -6.65
N GLY A 30 23.94 32.15 -7.21
CA GLY A 30 24.16 30.70 -7.22
C GLY A 30 25.57 30.31 -6.84
N PHE A 31 25.71 29.10 -6.29
CA PHE A 31 27.02 28.45 -6.14
C PHE A 31 26.90 26.93 -6.33
N ASP A 32 27.88 26.36 -7.02
CA ASP A 32 28.01 24.91 -7.12
C ASP A 32 29.47 24.61 -7.37
N PRO A 33 30.00 23.54 -6.80
CA PRO A 33 31.42 23.22 -7.02
C PRO A 33 31.74 22.60 -8.40
N ALA A 34 30.72 22.22 -9.16
CA ALA A 34 30.91 21.72 -10.50
C ALA A 34 30.67 22.81 -11.54
N PRO A 35 31.67 23.16 -12.34
CA PRO A 35 31.56 24.16 -13.40
C PRO A 35 30.44 23.91 -14.41
N THR A 36 30.29 22.66 -14.83
CA THR A 36 29.23 22.30 -15.74
C THR A 36 27.84 22.68 -15.13
N ALA A 37 27.63 22.38 -13.84
CA ALA A 37 26.37 22.74 -13.16
C ALA A 37 26.20 24.27 -13.07
N ALA A 38 27.24 24.92 -12.63
CA ALA A 38 27.24 26.35 -12.48
C ALA A 38 26.97 27.05 -13.84
N SER A 39 27.64 26.55 -14.89
CA SER A 39 27.54 27.12 -16.23
C SER A 39 26.15 27.04 -16.78
N GLY A 40 25.55 25.86 -16.70
CA GLY A 40 24.15 25.63 -17.11
C GLY A 40 23.21 26.59 -16.39
N ALA A 41 23.39 26.71 -15.06
CA ALA A 41 22.60 27.60 -14.24
C ALA A 41 22.73 29.09 -14.67
N ALA A 42 23.95 29.54 -14.93
CA ALA A 42 24.19 30.89 -15.43
C ALA A 42 23.55 31.12 -16.79
N ALA A 43 23.40 30.05 -17.58
CA ALA A 43 22.72 30.14 -18.86
C ALA A 43 21.25 30.44 -18.73
N HIS A 44 20.63 30.11 -17.61
CA HIS A 44 19.23 30.49 -17.43
C HIS A 44 19.01 31.62 -16.42
N GLY A 45 20.02 32.46 -16.23
CA GLY A 45 19.86 33.71 -15.47
C GLY A 45 20.40 33.80 -14.05
N VAL A 46 20.94 32.70 -13.53
CA VAL A 46 21.53 32.70 -12.20
C VAL A 46 22.93 33.41 -12.22
N ALA A 47 23.14 34.36 -11.31
CA ALA A 47 24.43 34.95 -11.11
C ALA A 47 25.26 34.01 -10.22
N VAL A 48 26.20 33.36 -10.87
CA VAL A 48 27.01 32.34 -10.25
C VAL A 48 28.22 32.97 -9.58
N PHE A 49 28.49 32.60 -8.34
CA PHE A 49 29.69 33.11 -7.60
C PHE A 49 30.67 32.00 -7.30
N ARG A 50 31.91 32.39 -7.06
CA ARG A 50 33.02 31.44 -6.83
C ARG A 50 32.85 30.74 -5.48
N SER A 51 32.21 31.36 -4.50
CA SER A 51 31.99 30.71 -3.19
C SER A 51 30.58 30.93 -2.63
N ALA A 52 30.15 30.04 -1.76
CA ALA A 52 28.83 30.14 -1.18
C ALA A 52 28.66 31.43 -0.36
N PRO A 53 29.68 31.80 0.45
CA PRO A 53 29.59 33.05 1.23
C PRO A 53 29.34 34.32 0.37
N GLU A 54 29.91 34.36 -0.82
CA GLU A 54 29.67 35.45 -1.75
C GLU A 54 28.23 35.41 -2.25
N ALA A 55 27.76 34.23 -2.65
CA ALA A 55 26.39 34.08 -3.12
C ALA A 55 25.39 34.54 -2.08
N VAL A 56 25.61 34.15 -0.84
CA VAL A 56 24.75 34.53 0.29
C VAL A 56 24.69 36.04 0.64
N ALA A 57 25.73 36.80 0.29
CA ALA A 57 25.93 38.15 0.80
C ALA A 57 24.70 39.06 0.70
N GLU A 58 24.07 39.09 -0.47
CA GLU A 58 23.00 40.05 -0.73
C GLU A 58 21.62 39.44 -0.71
N ALA A 59 21.48 38.27 -0.11
CA ALA A 59 20.27 37.46 -0.29
C ALA A 59 19.28 37.66 0.86
N ASP A 60 18.00 37.62 0.54
CA ASP A 60 16.90 37.61 1.53
C ASP A 60 16.57 36.16 1.94
N VAL A 61 16.88 35.23 1.01
CA VAL A 61 16.55 33.83 1.15
C VAL A 61 17.73 33.00 0.67
N VAL A 62 18.07 31.95 1.40
CA VAL A 62 19.15 31.04 1.02
C VAL A 62 18.57 29.64 0.96
N ILE A 63 18.62 29.04 -0.22
CA ILE A 63 18.11 27.69 -0.41
C ILE A 63 19.29 26.75 -0.61
N THR A 64 19.28 25.62 0.11
CA THR A 64 20.26 24.57 -0.10
C THR A 64 19.63 23.34 -0.72
N MET A 65 20.32 22.80 -1.72
CA MET A 65 19.99 21.54 -2.30
C MET A 65 21.28 20.75 -2.42
N LEU A 66 21.61 20.00 -1.37
CA LEU A 66 22.95 19.40 -1.19
C LEU A 66 22.87 17.94 -0.80
N PRO A 67 23.98 17.19 -1.01
CA PRO A 67 23.81 15.70 -1.02
C PRO A 67 23.67 15.03 0.32
N THR A 68 24.19 15.66 1.39
CA THR A 68 24.19 15.06 2.75
C THR A 68 24.12 16.07 3.86
N GLY A 69 23.75 15.61 5.07
CA GLY A 69 23.62 16.51 6.23
C GLY A 69 24.94 17.17 6.58
N GLU A 70 26.01 16.40 6.44
CA GLU A 70 27.35 16.87 6.69
C GLU A 70 27.71 18.05 5.75
N VAL A 71 27.37 17.94 4.49
CA VAL A 71 27.58 19.01 3.54
C VAL A 71 26.69 20.21 3.85
N VAL A 72 25.44 19.93 4.26
CA VAL A 72 24.53 21.02 4.57
C VAL A 72 25.10 21.73 5.80
N ARG A 73 25.48 20.98 6.84
CA ARG A 73 26.03 21.60 8.07
C ARG A 73 27.26 22.43 7.75
N ARG A 74 28.14 21.89 6.92
CA ARG A 74 29.37 22.60 6.62
C ARG A 74 29.08 23.91 5.81
N CYS A 75 28.12 23.84 4.90
CA CYS A 75 27.63 25.03 4.19
C CYS A 75 27.11 26.09 5.16
N TYR A 76 26.24 25.71 6.09
CA TYR A 76 25.70 26.64 7.07
C TYR A 76 26.80 27.34 7.86
N THR A 77 27.73 26.59 8.39
CA THR A 77 28.81 27.19 9.16
C THR A 77 29.69 28.06 8.26
N ASP A 78 29.78 27.73 6.97
CA ASP A 78 30.56 28.53 6.02
C ASP A 78 29.92 29.84 5.63
N VAL A 79 28.57 29.90 5.66
CA VAL A 79 27.88 31.08 5.17
C VAL A 79 27.11 31.87 6.19
N LEU A 80 26.85 31.36 7.38
CA LEU A 80 25.94 32.07 8.25
C LEU A 80 26.41 33.48 8.64
N ALA A 81 27.69 33.67 8.90
CA ALA A 81 28.23 35.00 9.21
C ALA A 81 28.16 36.01 8.01
N ALA A 82 28.13 35.50 6.77
CA ALA A 82 27.97 36.31 5.56
C ALA A 82 26.53 36.75 5.34
N ALA A 83 25.55 36.06 5.93
CA ALA A 83 24.18 36.40 5.73
C ALA A 83 23.76 37.60 6.56
N ARG A 84 22.79 38.34 6.05
CA ARG A 84 22.20 39.45 6.81
C ARG A 84 21.30 38.87 7.91
N PRO A 85 20.85 39.71 8.82
CA PRO A 85 20.06 39.13 9.88
C PRO A 85 18.65 38.91 9.39
N ALA A 86 18.00 37.92 10.00
CA ALA A 86 16.66 37.50 9.61
C ALA A 86 16.52 37.06 8.13
N THR A 87 17.61 36.56 7.55
CA THR A 87 17.57 35.87 6.29
C THR A 87 16.79 34.58 6.50
N LEU A 88 16.06 34.18 5.47
CA LEU A 88 15.25 32.99 5.53
C LEU A 88 16.01 31.85 4.84
N PHE A 89 16.37 30.83 5.63
CA PHE A 89 17.07 29.67 5.11
C PHE A 89 16.09 28.55 4.88
N ILE A 90 16.13 27.98 3.67
CA ILE A 90 15.30 26.82 3.35
C ILE A 90 16.22 25.70 2.91
N ASP A 91 16.29 24.63 3.70
CA ASP A 91 16.99 23.43 3.25
C ASP A 91 16.06 22.44 2.58
N SER A 92 16.21 22.30 1.26
CA SER A 92 15.40 21.36 0.49
C SER A 92 16.12 20.08 0.15
N SER A 93 17.35 19.96 0.63
CA SER A 93 18.06 18.68 0.71
C SER A 93 17.22 17.60 1.44
N THR A 94 17.49 16.34 1.13
CA THR A 94 16.95 15.21 1.88
C THR A 94 18.09 14.66 2.71
N ILE A 95 17.99 14.92 4.03
CA ILE A 95 18.98 14.53 5.04
C ILE A 95 18.24 13.96 6.29
N SER A 96 18.98 13.45 7.25
CA SER A 96 18.35 12.88 8.42
C SER A 96 17.65 13.94 9.26
N VAL A 97 16.61 13.48 9.93
CA VAL A 97 15.88 14.29 10.88
C VAL A 97 16.80 14.93 11.90
N THR A 98 17.74 14.15 12.45
CA THR A 98 18.74 14.68 13.42
C THR A 98 19.54 15.84 12.85
N ASP A 99 20.05 15.63 11.63
CA ASP A 99 20.84 16.67 10.93
C ASP A 99 19.99 17.91 10.65
N ALA A 100 18.76 17.70 10.18
CA ALA A 100 17.86 18.80 9.94
C ALA A 100 17.66 19.71 11.13
N ARG A 101 17.41 19.10 12.28
CA ARG A 101 17.18 19.84 13.51
C ARG A 101 18.42 20.54 14.01
N GLU A 102 19.55 19.89 13.86
CA GLU A 102 20.80 20.52 14.27
C GLU A 102 21.03 21.75 13.43
N VAL A 103 20.91 21.64 12.10
CA VAL A 103 21.16 22.80 11.26
C VAL A 103 20.10 23.88 11.41
N HIS A 104 18.86 23.49 11.71
CA HIS A 104 17.83 24.46 12.03
C HIS A 104 18.20 25.31 13.24
N ALA A 105 18.66 24.64 14.30
CA ALA A 105 19.05 25.29 15.56
C ALA A 105 20.27 26.20 15.33
N LEU A 106 21.24 25.71 14.58
CA LEU A 106 22.39 26.53 14.20
C LEU A 106 22.03 27.86 13.50
N ALA A 107 21.12 27.75 12.52
CA ALA A 107 20.66 28.92 11.74
C ALA A 107 19.91 29.90 12.60
N GLU A 108 18.94 29.41 13.37
CA GLU A 108 18.20 30.27 14.29
C GLU A 108 19.10 30.93 15.34
N SER A 109 20.16 30.26 15.79
CA SER A 109 21.07 30.87 16.76
C SER A 109 21.77 32.10 16.17
N HIS A 110 21.82 32.20 14.83
CA HIS A 110 22.33 33.40 14.16
C HIS A 110 21.27 34.43 13.84
N GLY A 111 20.09 34.27 14.40
CA GLY A 111 19.02 35.25 14.15
C GLY A 111 18.43 35.10 12.78
N MET A 112 18.59 33.92 12.19
CA MET A 112 17.95 33.61 10.93
C MET A 112 16.68 32.81 11.18
N LEU A 113 15.86 32.72 10.16
CA LEU A 113 14.67 31.86 10.17
C LEU A 113 14.94 30.71 9.24
N GLN A 114 14.47 29.52 9.61
CA GLN A 114 14.86 28.33 8.86
C GLN A 114 13.78 27.26 8.80
N LEU A 115 13.63 26.72 7.61
CA LEU A 115 12.77 25.60 7.34
C LEU A 115 13.53 24.41 6.75
N ASP A 116 13.17 23.18 7.11
CA ASP A 116 13.43 22.01 6.26
C ASP A 116 12.25 21.84 5.34
N ALA A 117 12.53 21.72 4.05
CA ALA A 117 11.52 21.56 3.00
C ALA A 117 11.99 20.58 1.93
N PRO A 118 12.30 19.32 2.31
CA PRO A 118 12.65 18.35 1.28
C PRO A 118 11.56 18.19 0.25
N VAL A 119 11.91 17.71 -0.92
CA VAL A 119 10.94 17.58 -2.00
C VAL A 119 10.74 16.17 -2.55
N SER A 120 9.55 15.92 -3.14
CA SER A 120 9.24 14.74 -3.95
C SER A 120 8.84 15.17 -5.33
N GLY A 121 9.16 14.32 -6.31
CA GLY A 121 8.81 14.57 -7.73
C GLY A 121 10.00 14.42 -8.69
N GLY A 122 11.22 14.39 -8.16
CA GLY A 122 12.42 14.24 -8.98
C GLY A 122 12.72 15.38 -9.97
N VAL A 123 13.62 15.10 -10.90
CA VAL A 123 14.08 16.08 -11.91
C VAL A 123 12.90 16.55 -12.76
N LYS A 124 12.07 15.59 -13.15
CA LYS A 124 10.85 15.80 -13.89
C LYS A 124 9.98 16.83 -13.20
N GLY A 125 9.71 16.58 -11.94
CA GLY A 125 8.86 17.47 -11.17
C GLY A 125 9.50 18.83 -10.96
N ALA A 126 10.83 18.80 -10.82
CA ALA A 126 11.60 19.98 -10.58
C ALA A 126 11.49 20.88 -11.82
N ALA A 127 11.75 20.32 -12.98
CA ALA A 127 11.65 21.08 -14.24
C ALA A 127 10.24 21.57 -14.52
N ALA A 128 9.25 20.71 -14.23
CA ALA A 128 7.83 21.08 -14.47
C ALA A 128 7.22 22.02 -13.39
N ALA A 129 8.00 22.33 -12.34
CA ALA A 129 7.51 23.13 -11.20
C ALA A 129 6.33 22.47 -10.51
N THR A 130 6.38 21.14 -10.37
CA THR A 130 5.34 20.41 -9.66
C THR A 130 5.82 19.66 -8.43
N LEU A 131 6.95 20.04 -7.89
CA LEU A 131 7.48 19.36 -6.70
C LEU A 131 6.56 19.48 -5.50
N ALA A 132 6.57 18.46 -4.67
CA ALA A 132 5.85 18.49 -3.40
C ALA A 132 6.88 18.77 -2.35
N PHE A 133 6.73 19.93 -1.71
CA PHE A 133 7.54 20.34 -0.56
C PHE A 133 6.89 19.89 0.74
N MET A 134 7.60 19.10 1.52
CA MET A 134 7.15 18.75 2.89
C MET A 134 7.99 19.52 3.91
N VAL A 135 7.31 20.42 4.65
CA VAL A 135 7.96 21.49 5.43
C VAL A 135 7.91 21.31 6.93
N GLY A 136 9.05 21.49 7.56
CA GLY A 136 9.14 21.64 9.01
C GLY A 136 9.62 23.03 9.43
N GLY A 137 9.04 23.54 10.49
CA GLY A 137 9.38 24.86 11.03
C GLY A 137 8.14 25.58 11.43
N ASP A 138 8.26 26.86 11.72
CA ASP A 138 7.14 27.66 12.19
C ASP A 138 6.22 28.06 11.00
N GLU A 139 4.93 28.12 11.29
CA GLU A 139 3.93 28.50 10.31
C GLU A 139 4.12 29.89 9.76
N SER A 140 4.46 30.84 10.63
CA SER A 140 4.77 32.17 10.16
C SER A 140 5.98 32.27 9.21
N THR A 141 6.99 31.47 9.47
CA THR A 141 8.15 31.34 8.61
C THR A 141 7.76 30.71 7.30
N LEU A 142 6.98 29.63 7.33
CA LEU A 142 6.44 29.07 6.06
C LEU A 142 5.61 30.12 5.25
N ARG A 143 4.78 30.89 5.93
CA ARG A 143 4.02 31.92 5.25
C ARG A 143 4.93 32.89 4.51
N ARG A 144 5.96 33.38 5.21
CA ARG A 144 6.95 34.25 4.58
C ARG A 144 7.63 33.51 3.40
N ALA A 145 7.90 32.22 3.53
CA ALA A 145 8.57 31.47 2.44
C ALA A 145 7.68 31.16 1.23
N ARG A 146 6.36 31.17 1.45
CA ARG A 146 5.44 30.62 0.47
C ARG A 146 5.58 31.17 -0.96
N PRO A 147 5.75 32.50 -1.11
CA PRO A 147 5.92 33.04 -2.46
C PRO A 147 7.20 32.60 -3.19
N VAL A 148 8.20 32.13 -2.46
CA VAL A 148 9.39 31.55 -3.07
C VAL A 148 9.14 30.08 -3.45
N LEU A 149 8.44 29.35 -2.60
CA LEU A 149 8.21 27.93 -2.85
C LEU A 149 7.23 27.75 -4.02
N GLU A 150 6.19 28.57 -4.07
CA GLU A 150 5.13 28.45 -5.07
C GLU A 150 5.65 28.23 -6.50
N PRO A 151 6.60 29.04 -6.98
CA PRO A 151 6.96 28.84 -8.39
C PRO A 151 7.76 27.55 -8.71
N MET A 152 8.19 26.82 -7.68
CA MET A 152 8.83 25.53 -7.85
C MET A 152 7.89 24.36 -7.62
N ALA A 153 6.69 24.64 -7.08
CA ALA A 153 5.90 23.65 -6.32
C ALA A 153 4.57 23.29 -6.92
N GLY A 154 4.22 22.02 -6.86
CA GLY A 154 2.85 21.56 -7.09
C GLY A 154 2.15 21.55 -5.75
N LYS A 155 2.88 21.41 -4.66
CA LYS A 155 2.24 21.07 -3.40
C LYS A 155 3.20 21.49 -2.31
N ILE A 156 2.64 22.10 -1.27
CA ILE A 156 3.43 22.58 -0.15
C ILE A 156 2.65 22.15 1.08
N ILE A 157 3.24 21.32 1.94
CA ILE A 157 2.59 20.83 3.14
C ILE A 157 3.42 21.13 4.38
N HIS A 158 2.80 21.79 5.34
CA HIS A 158 3.38 22.00 6.62
C HIS A 158 3.22 20.73 7.46
N CYS A 159 4.34 20.11 7.82
CA CYS A 159 4.37 18.81 8.51
C CYS A 159 4.51 18.92 10.01
N GLY A 160 4.94 20.08 10.51
CA GLY A 160 5.15 20.25 11.91
C GLY A 160 6.36 21.13 12.16
N ALA A 161 6.94 20.98 13.36
CA ALA A 161 8.10 21.75 13.75
C ALA A 161 9.32 21.25 13.00
N ALA A 162 10.41 21.97 13.17
CA ALA A 162 11.65 21.67 12.45
C ALA A 162 11.99 20.20 12.52
N GLY A 163 12.34 19.63 11.38
CA GLY A 163 12.63 18.22 11.21
C GLY A 163 11.45 17.40 10.70
N ALA A 164 10.24 17.91 10.88
CA ALA A 164 9.04 17.19 10.52
C ALA A 164 8.87 16.96 9.01
N GLY A 165 9.49 17.81 8.19
CA GLY A 165 9.43 17.65 6.74
C GLY A 165 10.22 16.42 6.31
N GLN A 166 11.50 16.38 6.73
CA GLN A 166 12.34 15.17 6.61
C GLN A 166 11.60 13.92 7.15
N ALA A 167 11.03 14.02 8.32
CA ALA A 167 10.33 12.90 8.94
C ALA A 167 9.19 12.37 8.09
N ALA A 168 8.34 13.27 7.62
CA ALA A 168 7.20 12.86 6.83
C ALA A 168 7.66 12.17 5.53
N LYS A 169 8.65 12.76 4.85
CA LYS A 169 9.14 12.19 3.60
C LYS A 169 9.74 10.77 3.81
N VAL A 170 10.64 10.66 4.76
CA VAL A 170 11.31 9.40 4.99
C VAL A 170 10.28 8.30 5.39
N CYS A 171 9.22 8.69 6.09
CA CYS A 171 8.19 7.74 6.48
C CYS A 171 7.32 7.32 5.30
N ASN A 172 6.96 8.26 4.43
CA ASN A 172 6.23 7.88 3.25
C ASN A 172 7.07 6.99 2.33
N ASN A 173 8.36 7.33 2.12
CA ASN A 173 9.16 6.53 1.20
C ASN A 173 9.50 5.12 1.69
N MET A 174 9.56 4.93 3.01
CA MET A 174 9.79 3.59 3.56
C MET A 174 8.59 2.72 3.22
N VAL A 175 7.38 3.28 3.38
CA VAL A 175 6.14 2.60 3.06
C VAL A 175 6.09 2.30 1.59
N LEU A 176 6.48 3.26 0.75
CA LEU A 176 6.44 3.12 -0.70
C LEU A 176 7.32 1.94 -1.14
N ALA A 177 8.53 1.91 -0.60
CA ALA A 177 9.47 0.82 -0.89
C ALA A 177 8.86 -0.54 -0.53
N VAL A 178 8.24 -0.63 0.64
CA VAL A 178 7.60 -1.87 1.05
C VAL A 178 6.48 -2.26 0.07
N GLN A 179 5.65 -1.29 -0.25
CA GLN A 179 4.57 -1.50 -1.23
C GLN A 179 5.05 -1.96 -2.60
N GLN A 180 6.17 -1.39 -3.05
CA GLN A 180 6.66 -1.67 -4.38
C GLN A 180 7.12 -3.10 -4.43
N ILE A 181 7.75 -3.56 -3.34
CA ILE A 181 8.17 -4.95 -3.26
C ILE A 181 6.99 -5.88 -3.13
N ALA A 182 6.06 -5.51 -2.27
CA ALA A 182 4.87 -6.36 -2.05
C ALA A 182 4.07 -6.57 -3.31
N ILE A 183 3.84 -5.48 -4.05
CA ILE A 183 3.16 -5.55 -5.36
C ILE A 183 3.91 -6.48 -6.32
N ALA A 184 5.24 -6.37 -6.37
CA ALA A 184 6.02 -7.24 -7.23
C ALA A 184 5.87 -8.73 -6.84
N GLU A 185 5.98 -9.02 -5.54
CA GLU A 185 5.69 -10.37 -5.04
C GLU A 185 4.37 -10.87 -5.56
N ALA A 186 3.33 -10.04 -5.43
CA ALA A 186 1.99 -10.46 -5.82
C ALA A 186 1.90 -10.76 -7.31
N PHE A 187 2.48 -9.92 -8.16
CA PHE A 187 2.46 -10.21 -9.60
C PHE A 187 3.16 -11.51 -9.95
N VAL A 188 4.30 -11.82 -9.33
CA VAL A 188 5.01 -13.05 -9.73
C VAL A 188 4.29 -14.27 -9.10
N LEU A 189 3.68 -14.09 -7.93
CA LEU A 189 2.87 -15.15 -7.35
C LEU A 189 1.68 -15.46 -8.27
N ALA A 190 1.02 -14.42 -8.77
CA ALA A 190 -0.18 -14.59 -9.54
C ALA A 190 0.18 -15.34 -10.81
N GLU A 191 1.29 -14.96 -11.41
CA GLU A 191 1.74 -15.58 -12.62
C GLU A 191 2.01 -17.07 -12.43
N LYS A 192 2.67 -17.45 -11.34
CA LYS A 192 2.91 -18.86 -11.07
C LYS A 192 1.62 -19.65 -10.75
N LEU A 193 0.60 -18.97 -10.24
CA LEU A 193 -0.71 -19.57 -10.02
C LEU A 193 -1.61 -19.62 -11.25
N GLY A 194 -1.13 -19.13 -12.38
CA GLY A 194 -1.90 -19.08 -13.63
C GLY A 194 -2.91 -17.92 -13.66
N LEU A 195 -2.73 -16.94 -12.78
CA LEU A 195 -3.56 -15.76 -12.78
C LEU A 195 -2.89 -14.70 -13.66
N SER A 196 -3.61 -14.22 -14.69
CA SER A 196 -3.03 -13.23 -15.59
C SER A 196 -2.68 -11.88 -14.88
N ALA A 197 -1.70 -11.18 -15.43
CA ALA A 197 -1.28 -9.91 -14.88
C ALA A 197 -2.43 -8.91 -14.94
N GLN A 198 -3.20 -8.93 -16.03
CA GLN A 198 -4.32 -8.00 -16.17
C GLN A 198 -5.44 -8.26 -15.17
N SER A 199 -5.72 -9.53 -14.87
CA SER A 199 -6.74 -9.92 -13.87
C SER A 199 -6.34 -9.51 -12.48
N LEU A 200 -5.13 -9.84 -12.12
CA LEU A 200 -4.60 -9.36 -10.83
C LEU A 200 -4.67 -7.83 -10.72
N PHE A 201 -4.24 -7.14 -11.77
CA PHE A 201 -4.27 -5.68 -11.77
C PHE A 201 -5.70 -5.16 -11.54
N ASP A 202 -6.66 -5.66 -12.31
CA ASP A 202 -8.08 -5.28 -12.17
C ASP A 202 -8.59 -5.52 -10.75
N VAL A 203 -8.21 -6.63 -10.14
CA VAL A 203 -8.69 -6.96 -8.81
C VAL A 203 -8.08 -6.03 -7.78
N ILE A 204 -6.73 -5.96 -7.74
CA ILE A 204 -6.06 -5.17 -6.72
C ILE A 204 -6.43 -3.70 -6.80
N THR A 205 -6.47 -3.15 -8.01
CA THR A 205 -6.79 -1.73 -8.16
C THR A 205 -8.21 -1.44 -7.72
N GLY A 206 -9.09 -2.44 -7.80
CA GLY A 206 -10.44 -2.32 -7.28
C GLY A 206 -10.66 -2.78 -5.87
N ALA A 207 -9.58 -3.08 -5.13
CA ALA A 207 -9.70 -3.74 -3.82
C ALA A 207 -8.75 -3.12 -2.76
N THR A 208 -8.67 -3.72 -1.58
CA THR A 208 -7.92 -3.11 -0.43
C THR A 208 -6.41 -2.93 -0.66
N GLY A 209 -5.84 -3.79 -1.53
CA GLY A 209 -4.43 -3.77 -1.85
C GLY A 209 -3.96 -2.57 -2.71
N ASN A 210 -4.91 -1.77 -3.24
CA ASN A 210 -4.56 -0.73 -4.21
C ASN A 210 -3.60 0.31 -3.65
N CYS A 211 -2.67 0.73 -4.48
CA CYS A 211 -1.72 1.75 -4.15
C CYS A 211 -1.01 2.15 -5.43
N TRP A 212 -0.25 3.25 -5.36
CA TRP A 212 0.42 3.88 -6.51
C TRP A 212 1.40 2.95 -7.13
N ALA A 213 2.08 2.20 -6.26
CA ALA A 213 3.01 1.18 -6.68
C ALA A 213 2.45 0.22 -7.74
N VAL A 214 1.15 -0.05 -7.67
CA VAL A 214 0.45 -0.81 -8.71
C VAL A 214 -0.29 0.09 -9.67
N HIS A 215 -1.09 1.06 -9.21
CA HIS A 215 -1.97 1.79 -10.18
C HIS A 215 -1.22 2.68 -11.15
N THR A 216 -0.06 3.16 -10.74
CA THR A 216 0.79 3.96 -11.64
C THR A 216 2.15 3.29 -11.93
N ASN A 217 2.73 2.58 -10.98
CA ASN A 217 4.08 2.00 -11.21
C ASN A 217 4.07 0.53 -11.52
N CYS A 218 2.93 0.00 -11.97
CA CYS A 218 2.77 -1.45 -12.22
C CYS A 218 4.07 -2.08 -12.75
N PRO A 219 4.64 -3.06 -12.01
CA PRO A 219 5.94 -3.63 -12.38
C PRO A 219 5.95 -4.67 -13.49
N VAL A 220 4.79 -5.03 -14.01
CA VAL A 220 4.72 -5.86 -15.23
C VAL A 220 4.16 -5.01 -16.38
N PRO A 221 4.64 -5.22 -17.61
CA PRO A 221 4.19 -4.39 -18.73
C PRO A 221 2.74 -4.71 -19.15
N GLY A 222 1.99 -3.70 -19.55
CA GLY A 222 0.64 -3.91 -20.13
C GLY A 222 -0.49 -3.20 -19.42
N PRO A 223 -0.71 -3.52 -18.16
CA PRO A 223 -1.85 -2.92 -17.49
C PRO A 223 -1.77 -1.43 -17.36
N VAL A 224 -0.56 -0.88 -17.29
CA VAL A 224 -0.36 0.59 -17.20
C VAL A 224 0.71 0.95 -18.23
N PRO A 225 0.30 1.24 -19.49
CA PRO A 225 1.24 1.48 -20.62
C PRO A 225 2.39 2.44 -20.33
N THR A 226 2.15 3.48 -19.54
CA THR A 226 3.20 4.41 -19.20
C THR A 226 4.14 3.99 -18.06
N SER A 227 3.88 2.89 -17.36
CA SER A 227 4.68 2.54 -16.19
C SER A 227 6.09 2.11 -16.67
N PRO A 228 7.10 2.33 -15.83
CA PRO A 228 8.48 2.00 -16.27
C PRO A 228 8.75 0.56 -16.79
N ALA A 229 7.97 -0.41 -16.31
CA ALA A 229 8.02 -1.80 -16.84
C ALA A 229 7.87 -1.93 -18.40
N ASN A 230 7.20 -0.96 -19.04
CA ASN A 230 7.01 -0.96 -20.51
C ASN A 230 8.12 -0.20 -21.24
N ASN A 231 9.09 0.30 -20.49
CA ASN A 231 10.12 1.13 -21.05
C ASN A 231 11.51 0.78 -20.45
N ASP A 232 11.81 -0.51 -20.41
CA ASP A 232 13.07 -1.05 -19.87
C ASP A 232 13.42 -0.55 -18.44
N PHE A 233 12.39 -0.24 -17.66
CA PHE A 233 12.56 0.26 -16.30
C PHE A 233 13.40 1.52 -16.18
N LYS A 234 13.27 2.42 -17.16
CA LYS A 234 13.90 3.73 -17.08
C LYS A 234 13.17 4.50 -16.01
N PRO A 235 13.93 5.14 -15.09
CA PRO A 235 13.31 5.96 -14.07
C PRO A 235 12.60 7.11 -14.74
N GLY A 236 11.51 7.66 -14.20
CA GLY A 236 10.91 7.32 -12.92
C GLY A 236 11.66 7.69 -11.69
N PHE A 237 11.60 6.80 -10.71
CA PHE A 237 12.28 6.95 -9.43
C PHE A 237 13.33 5.84 -9.35
N SER A 238 14.59 6.20 -9.48
CA SER A 238 15.66 5.23 -9.53
C SER A 238 15.83 4.47 -8.25
N THR A 239 16.34 3.24 -8.40
CA THR A 239 16.79 2.41 -7.30
C THR A 239 17.84 3.14 -6.43
N ALA A 240 18.78 3.81 -7.08
CA ALA A 240 19.78 4.63 -6.37
C ALA A 240 19.13 5.61 -5.37
N LEU A 241 18.07 6.31 -5.81
CA LEU A 241 17.41 7.31 -4.97
C LEU A 241 16.55 6.68 -3.87
N MET A 242 15.83 5.61 -4.21
CA MET A 242 15.05 4.92 -3.22
C MET A 242 15.95 4.34 -2.12
N ASN A 243 17.08 3.76 -2.55
CA ASN A 243 18.10 3.20 -1.64
C ASN A 243 18.64 4.32 -0.71
N LYS A 244 18.86 5.51 -1.27
CA LYS A 244 19.26 6.67 -0.48
C LYS A 244 18.26 7.00 0.66
N ASP A 245 16.98 7.12 0.32
CA ASP A 245 15.92 7.40 1.29
C ASP A 245 15.77 6.31 2.37
N LEU A 246 15.92 5.06 1.97
CA LEU A 246 15.85 3.95 2.90
C LEU A 246 17.02 3.94 3.88
N GLY A 247 18.20 4.33 3.41
CA GLY A 247 19.35 4.53 4.32
C GLY A 247 18.99 5.51 5.44
N LEU A 248 18.36 6.61 5.03
CA LEU A 248 17.90 7.63 5.96
C LEU A 248 16.79 7.13 6.90
N ALA A 249 15.92 6.26 6.41
CA ALA A 249 14.93 5.62 7.27
C ALA A 249 15.62 4.74 8.27
N MET A 250 16.64 4.01 7.84
CA MET A 250 17.38 3.17 8.79
C MET A 250 18.14 3.97 9.86
N ASP A 251 18.73 5.10 9.48
CA ASP A 251 19.30 6.03 10.47
C ASP A 251 18.24 6.48 11.48
N ALA A 252 17.08 6.88 10.98
CA ALA A 252 16.03 7.30 11.87
C ALA A 252 15.56 6.15 12.81
N VAL A 253 15.50 4.91 12.27
CA VAL A 253 15.07 3.76 13.06
C VAL A 253 16.11 3.51 14.15
N ALA A 254 17.40 3.52 13.78
CA ALA A 254 18.50 3.34 14.75
C ALA A 254 18.49 4.45 15.81
N ALA A 255 18.43 5.69 15.33
CA ALA A 255 18.39 6.84 16.20
C ALA A 255 17.27 6.77 17.26
N THR A 256 16.12 6.21 16.90
CA THR A 256 14.98 6.18 17.82
C THR A 256 14.79 4.89 18.58
N GLY A 257 15.52 3.85 18.20
CA GLY A 257 15.26 2.50 18.69
C GLY A 257 13.92 1.95 18.27
N ALA A 258 13.48 2.30 17.07
CA ALA A 258 12.16 1.85 16.58
C ALA A 258 12.24 0.42 16.08
N THR A 259 11.07 -0.22 16.05
CA THR A 259 10.87 -1.56 15.47
C THR A 259 10.25 -1.39 14.09
N ALA A 260 10.99 -1.67 13.04
CA ALA A 260 10.47 -1.53 11.68
C ALA A 260 10.88 -2.71 10.82
N PRO A 261 10.37 -3.92 11.14
CA PRO A 261 10.84 -5.13 10.47
C PRO A 261 10.64 -5.12 8.95
N LEU A 262 9.48 -4.72 8.50
CA LEU A 262 9.24 -4.69 7.06
C LEU A 262 9.99 -3.56 6.33
N GLY A 263 9.98 -2.35 6.89
CA GLY A 263 10.77 -1.26 6.35
C GLY A 263 12.25 -1.62 6.24
N SER A 264 12.79 -2.24 7.29
CA SER A 264 14.17 -2.71 7.31
C SER A 264 14.49 -3.79 6.33
N HIS A 265 13.54 -4.69 6.13
CA HIS A 265 13.71 -5.78 5.19
C HIS A 265 13.79 -5.24 3.77
N ALA A 266 12.91 -4.27 3.49
CA ALA A 266 12.88 -3.59 2.21
C ALA A 266 14.19 -2.84 1.97
N ALA A 267 14.70 -2.24 3.04
CA ALA A 267 15.95 -1.48 3.00
C ALA A 267 17.08 -2.43 2.58
N ASP A 268 17.12 -3.61 3.19
N ASP A 268 17.12 -3.63 3.17
CA ASP A 268 18.09 -4.65 2.84
CA ASP A 268 18.11 -4.63 2.79
C ASP A 268 17.95 -5.03 1.37
C ASP A 268 17.95 -5.02 1.34
N ILE A 269 16.72 -5.27 0.92
CA ILE A 269 16.48 -5.72 -0.45
C ILE A 269 16.96 -4.68 -1.46
N TYR A 270 16.62 -3.43 -1.20
CA TYR A 270 16.97 -2.36 -2.14
C TYR A 270 18.46 -2.02 -2.13
N ALA A 271 19.13 -2.16 -0.96
CA ALA A 271 20.58 -1.92 -0.83
C ALA A 271 21.35 -2.93 -1.68
N LYS A 272 20.97 -4.21 -1.56
CA LYS A 272 21.44 -5.31 -2.47
C LYS A 272 21.17 -5.00 -3.92
N PHE A 273 19.93 -4.68 -4.25
CA PHE A 273 19.52 -4.45 -5.62
C PHE A 273 20.27 -3.27 -6.24
N ALA A 274 20.57 -2.25 -5.44
CA ALA A 274 21.25 -1.06 -5.94
C ALA A 274 22.74 -1.32 -6.25
N ALA A 275 23.26 -2.46 -5.76
CA ALA A 275 24.61 -2.89 -6.11
C ALA A 275 24.72 -3.28 -7.56
N ASP A 276 23.62 -3.68 -8.16
CA ASP A 276 23.61 -4.12 -9.54
C ASP A 276 22.76 -3.31 -10.52
N HIS A 277 21.73 -2.66 -10.02
CA HIS A 277 20.75 -2.00 -10.87
C HIS A 277 20.32 -0.60 -10.35
N ALA A 278 21.25 0.11 -9.69
CA ALA A 278 21.02 1.48 -9.22
C ALA A 278 20.30 2.42 -10.23
N ASP A 279 20.57 2.23 -11.52
CA ASP A 279 20.05 3.10 -12.60
C ASP A 279 18.64 2.76 -13.08
N LEU A 280 18.09 1.64 -12.62
CA LEU A 280 16.74 1.26 -13.05
C LEU A 280 15.71 1.79 -12.06
N ASP A 281 14.54 2.05 -12.56
CA ASP A 281 13.40 2.31 -11.69
C ASP A 281 13.33 1.25 -10.59
N PHE A 282 13.00 1.73 -9.38
CA PHE A 282 12.86 0.85 -8.24
C PHE A 282 11.79 -0.25 -8.34
N SER A 283 10.85 -0.12 -9.28
CA SER A 283 9.86 -1.15 -9.55
C SER A 283 10.48 -2.40 -10.17
N ALA A 284 11.68 -2.22 -10.72
CA ALA A 284 12.47 -3.32 -11.29
C ALA A 284 12.87 -4.40 -10.28
N VAL A 285 12.69 -4.10 -9.01
CA VAL A 285 12.92 -5.06 -7.95
C VAL A 285 12.16 -6.37 -8.15
N ILE A 286 11.07 -6.34 -8.92
CA ILE A 286 10.36 -7.57 -9.29
C ILE A 286 11.27 -8.68 -9.82
N HIS A 287 12.36 -8.30 -10.49
CA HIS A 287 13.29 -9.27 -11.11
C HIS A 287 14.51 -9.61 -10.28
N THR A 288 14.50 -9.23 -9.00
CA THR A 288 15.59 -9.59 -8.09
C THR A 288 15.09 -10.42 -6.90
N LEU A 289 13.87 -10.95 -7.01
CA LEU A 289 13.27 -11.69 -5.88
C LEU A 289 13.90 -13.07 -5.72
N ARG A 290 14.38 -13.65 -6.83
CA ARG A 290 15.02 -14.96 -6.75
C ARG A 290 16.50 -14.90 -6.22
N ALA A 291 17.08 -13.72 -6.00
CA ALA A 291 18.47 -13.59 -5.50
C ALA A 291 18.80 -14.33 -4.20
N MET B 1 -33.19 -15.11 -12.61
CA MET B 1 -34.47 -15.85 -12.56
C MET B 1 -34.58 -16.64 -11.25
N MET B 2 -35.82 -16.88 -10.81
CA MET B 2 -36.07 -17.62 -9.57
C MET B 2 -35.55 -19.06 -9.68
N THR B 3 -34.82 -19.47 -8.69
CA THR B 3 -34.02 -20.67 -8.70
C THR B 3 -34.12 -21.33 -7.31
N THR B 4 -34.03 -22.65 -7.30
CA THR B 4 -33.81 -23.40 -6.06
C THR B 4 -32.29 -23.55 -5.76
N ILE B 5 -31.87 -23.05 -4.61
CA ILE B 5 -30.48 -23.03 -4.22
C ILE B 5 -30.28 -23.80 -2.91
N ALA B 6 -29.38 -24.77 -2.91
CA ALA B 6 -28.96 -25.42 -1.65
C ALA B 6 -27.81 -24.58 -1.11
N PHE B 7 -27.85 -24.20 0.16
CA PHE B 7 -26.82 -23.44 0.78
C PHE B 7 -26.25 -24.26 1.95
N LEU B 8 -25.00 -24.70 1.79
CA LEU B 8 -24.31 -25.51 2.74
C LEU B 8 -23.26 -24.69 3.49
N GLY B 9 -23.53 -24.41 4.76
CA GLY B 9 -22.71 -23.55 5.58
C GLY B 9 -23.47 -22.27 5.84
N LEU B 10 -24.04 -22.14 7.05
CA LEU B 10 -24.95 -21.03 7.41
C LEU B 10 -24.41 -20.26 8.63
N GLY B 11 -23.11 -20.07 8.68
CA GLY B 11 -22.45 -19.37 9.77
C GLY B 11 -22.48 -17.88 9.53
N ASN B 12 -21.46 -17.17 10.01
CA ASN B 12 -21.47 -15.68 10.01
C ASN B 12 -21.62 -15.06 8.65
N MET B 13 -21.15 -15.74 7.64
CA MET B 13 -21.26 -15.27 6.28
C MET B 13 -22.46 -15.93 5.62
N GLY B 14 -22.49 -17.25 5.69
CA GLY B 14 -23.55 -18.06 5.09
C GLY B 14 -24.98 -17.61 5.38
N ALA B 15 -25.24 -17.28 6.65
CA ALA B 15 -26.59 -16.93 7.08
C ALA B 15 -27.05 -15.63 6.48
N PRO B 16 -26.23 -14.57 6.60
CA PRO B 16 -26.74 -13.36 5.94
C PRO B 16 -26.80 -13.47 4.39
N MET B 17 -25.90 -14.25 3.80
CA MET B 17 -25.91 -14.46 2.33
C MET B 17 -27.20 -15.17 1.92
N SER B 18 -27.57 -16.21 2.66
CA SER B 18 -28.81 -16.96 2.37
C SER B 18 -30.05 -16.09 2.56
N ALA B 19 -30.05 -15.28 3.60
CA ALA B 19 -31.16 -14.34 3.81
C ALA B 19 -31.43 -13.44 2.61
N ASN B 20 -30.37 -12.94 1.97
CA ASN B 20 -30.52 -12.06 0.79
C ASN B 20 -31.06 -12.85 -0.42
N LEU B 21 -30.74 -14.13 -0.51
CA LEU B 21 -31.25 -14.93 -1.57
C LEU B 21 -32.76 -15.20 -1.35
N VAL B 22 -33.15 -15.42 -0.11
CA VAL B 22 -34.57 -15.53 0.24
C VAL B 22 -35.31 -14.25 -0.10
N GLY B 23 -34.78 -13.13 0.37
CA GLY B 23 -35.27 -11.82 0.01
C GLY B 23 -35.47 -11.61 -1.48
N ALA B 24 -34.59 -12.17 -2.33
CA ALA B 24 -34.67 -11.97 -3.79
C ALA B 24 -35.67 -12.88 -4.48
N GLY B 25 -36.33 -13.75 -3.71
CA GLY B 25 -37.42 -14.62 -4.22
C GLY B 25 -36.98 -16.03 -4.52
N HIS B 26 -35.75 -16.38 -4.16
CA HIS B 26 -35.24 -17.77 -4.38
C HIS B 26 -35.71 -18.70 -3.30
N VAL B 27 -35.89 -19.96 -3.67
CA VAL B 27 -36.16 -21.00 -2.73
C VAL B 27 -34.81 -21.49 -2.25
N VAL B 28 -34.58 -21.39 -0.94
CA VAL B 28 -33.27 -21.74 -0.40
C VAL B 28 -33.34 -22.92 0.53
N ARG B 29 -32.58 -23.94 0.21
CA ARG B 29 -32.55 -25.19 0.98
C ARG B 29 -31.21 -25.28 1.77
N GLY B 30 -31.25 -25.16 3.08
CA GLY B 30 -30.03 -25.03 3.86
C GLY B 30 -29.58 -26.28 4.61
N PHE B 31 -28.29 -26.41 4.80
CA PHE B 31 -27.75 -27.34 5.74
C PHE B 31 -26.55 -26.71 6.44
N ASP B 32 -26.49 -26.93 7.75
CA ASP B 32 -25.29 -26.65 8.56
C ASP B 32 -25.32 -27.62 9.72
N PRO B 33 -24.21 -28.28 10.04
CA PRO B 33 -24.22 -29.29 11.12
C PRO B 33 -24.28 -28.72 12.54
N ALA B 34 -24.08 -27.42 12.68
CA ALA B 34 -24.32 -26.72 13.91
C ALA B 34 -25.77 -26.27 13.92
N PRO B 35 -26.62 -26.85 14.79
CA PRO B 35 -28.04 -26.51 14.78
C PRO B 35 -28.40 -25.08 15.09
N THR B 36 -27.57 -24.36 15.82
CA THR B 36 -27.82 -22.91 16.06
C THR B 36 -27.71 -22.09 14.79
N ALA B 37 -26.74 -22.43 13.94
CA ALA B 37 -26.58 -21.78 12.66
C ALA B 37 -27.82 -22.04 11.81
N ALA B 38 -28.20 -23.32 11.69
CA ALA B 38 -29.38 -23.69 10.93
C ALA B 38 -30.64 -22.96 11.38
N SER B 39 -30.77 -22.84 12.70
CA SER B 39 -31.95 -22.19 13.32
C SER B 39 -32.13 -20.73 12.92
N GLY B 40 -31.07 -19.93 13.07
CA GLY B 40 -31.06 -18.52 12.60
C GLY B 40 -31.37 -18.38 11.12
N ALA B 41 -30.81 -19.28 10.32
CA ALA B 41 -31.06 -19.26 8.90
C ALA B 41 -32.53 -19.57 8.60
N ALA B 42 -33.08 -20.57 9.28
CA ALA B 42 -34.50 -20.91 9.21
C ALA B 42 -35.40 -19.72 9.56
N ALA B 43 -35.00 -18.94 10.56
CA ALA B 43 -35.78 -17.77 11.01
C ALA B 43 -35.93 -16.71 9.92
N HIS B 44 -34.96 -16.64 9.01
N HIS B 44 -34.94 -16.59 9.02
CA HIS B 44 -35.00 -15.70 7.89
CA HIS B 44 -35.04 -15.68 7.87
C HIS B 44 -35.54 -16.32 6.58
C HIS B 44 -35.47 -16.36 6.55
N GLY B 45 -36.09 -17.53 6.65
CA GLY B 45 -36.77 -18.17 5.49
C GLY B 45 -36.08 -19.32 4.75
N VAL B 46 -34.91 -19.75 5.21
CA VAL B 46 -34.24 -20.93 4.63
C VAL B 46 -34.99 -22.21 5.06
N ALA B 47 -35.31 -23.08 4.12
CA ALA B 47 -35.82 -24.38 4.49
C ALA B 47 -34.61 -25.22 4.86
N VAL B 48 -34.53 -25.58 6.13
CA VAL B 48 -33.41 -26.30 6.68
C VAL B 48 -33.67 -27.80 6.58
N PHE B 49 -32.67 -28.58 6.20
CA PHE B 49 -32.76 -30.03 6.06
C PHE B 49 -31.85 -30.75 7.06
N ARG B 50 -32.14 -32.02 7.25
CA ARG B 50 -31.42 -32.93 8.18
C ARG B 50 -29.99 -33.32 7.72
N SER B 51 -29.72 -33.24 6.42
CA SER B 51 -28.43 -33.67 5.87
C SER B 51 -28.16 -32.88 4.64
N ALA B 52 -26.88 -32.73 4.37
CA ALA B 52 -26.47 -32.00 3.20
C ALA B 52 -26.98 -32.68 1.92
N PRO B 53 -26.89 -34.01 1.80
CA PRO B 53 -27.46 -34.70 0.60
C PRO B 53 -28.89 -34.41 0.33
N GLU B 54 -29.68 -34.31 1.40
CA GLU B 54 -31.07 -33.90 1.26
C GLU B 54 -31.27 -32.50 0.75
N ALA B 55 -30.48 -31.54 1.28
CA ALA B 55 -30.64 -30.15 0.82
C ALA B 55 -30.33 -30.05 -0.70
N VAL B 56 -29.31 -30.78 -1.11
CA VAL B 56 -28.80 -30.75 -2.48
C VAL B 56 -29.75 -31.44 -3.51
N ALA B 57 -30.63 -32.34 -3.04
CA ALA B 57 -31.30 -33.28 -3.95
C ALA B 57 -32.13 -32.59 -5.01
N GLU B 58 -32.82 -31.52 -4.63
CA GLU B 58 -33.73 -30.82 -5.55
C GLU B 58 -33.25 -29.42 -5.85
N ALA B 59 -31.95 -29.21 -6.05
CA ALA B 59 -31.40 -27.87 -6.26
C ALA B 59 -30.80 -27.66 -7.65
N ASP B 60 -31.02 -26.50 -8.22
CA ASP B 60 -30.39 -26.09 -9.46
C ASP B 60 -29.00 -25.52 -9.22
N VAL B 61 -28.78 -25.02 -8.02
CA VAL B 61 -27.53 -24.41 -7.65
C VAL B 61 -27.20 -24.84 -6.22
N VAL B 62 -25.92 -25.11 -5.97
CA VAL B 62 -25.44 -25.48 -4.63
C VAL B 62 -24.28 -24.56 -4.24
N ILE B 63 -24.51 -23.75 -3.19
CA ILE B 63 -23.50 -22.88 -2.63
C ILE B 63 -22.92 -23.48 -1.37
N THR B 64 -21.57 -23.48 -1.28
CA THR B 64 -20.84 -23.84 -0.08
C THR B 64 -20.13 -22.59 0.47
N MET B 65 -20.25 -22.43 1.78
CA MET B 65 -19.58 -21.38 2.52
C MET B 65 -19.02 -22.02 3.79
N LEU B 66 -17.81 -22.58 3.66
CA LEU B 66 -17.28 -23.51 4.64
C LEU B 66 -15.87 -23.08 5.12
N PRO B 67 -15.45 -23.56 6.30
CA PRO B 67 -14.22 -22.98 6.95
C PRO B 67 -12.86 -23.33 6.27
N THR B 68 -12.76 -24.53 5.67
CA THR B 68 -11.49 -25.01 5.13
C THR B 68 -11.69 -25.83 3.87
N GLY B 69 -10.60 -26.00 3.12
CA GLY B 69 -10.58 -26.90 1.98
C GLY B 69 -10.96 -28.33 2.37
N GLU B 70 -10.46 -28.80 3.51
CA GLU B 70 -10.77 -30.13 3.97
C GLU B 70 -12.28 -30.31 4.12
N VAL B 71 -12.91 -29.34 4.74
CA VAL B 71 -14.34 -29.40 4.94
C VAL B 71 -15.06 -29.33 3.57
N VAL B 72 -14.61 -28.48 2.65
CA VAL B 72 -15.22 -28.42 1.32
C VAL B 72 -15.09 -29.78 0.60
N ARG B 73 -13.87 -30.31 0.59
CA ARG B 73 -13.61 -31.61 -0.03
C ARG B 73 -14.54 -32.67 0.54
N ARG B 74 -14.65 -32.70 1.85
CA ARG B 74 -15.50 -33.68 2.51
C ARG B 74 -16.98 -33.48 2.12
N CYS B 75 -17.46 -32.25 2.18
CA CYS B 75 -18.78 -31.91 1.74
C CYS B 75 -19.04 -32.37 0.29
N TYR B 76 -18.16 -32.00 -0.64
CA TYR B 76 -18.34 -32.41 -2.02
C TYR B 76 -18.44 -33.94 -2.14
N THR B 77 -17.56 -34.67 -1.43
CA THR B 77 -17.61 -36.13 -1.42
C THR B 77 -18.94 -36.69 -0.92
N ASP B 78 -19.56 -36.02 0.03
CA ASP B 78 -20.85 -36.40 0.56
C ASP B 78 -21.99 -36.11 -0.36
N VAL B 79 -21.91 -35.02 -1.11
CA VAL B 79 -23.12 -34.52 -1.77
C VAL B 79 -23.19 -34.64 -3.26
N LEU B 80 -22.06 -34.77 -3.94
CA LEU B 80 -22.06 -34.66 -5.43
C LEU B 80 -22.92 -35.72 -6.08
N ALA B 81 -22.86 -36.94 -5.58
CA ALA B 81 -23.69 -38.04 -6.14
C ALA B 81 -25.20 -37.84 -5.89
N ALA B 82 -25.55 -37.10 -4.83
CA ALA B 82 -26.96 -36.77 -4.51
C ALA B 82 -27.53 -35.68 -5.41
N ALA B 83 -26.67 -34.86 -5.99
CA ALA B 83 -27.13 -33.72 -6.77
C ALA B 83 -27.62 -34.20 -8.12
N ARG B 84 -28.56 -33.47 -8.72
CA ARG B 84 -28.98 -33.76 -10.09
C ARG B 84 -27.87 -33.40 -11.11
N PRO B 85 -27.70 -34.23 -12.18
CA PRO B 85 -26.61 -33.99 -13.15
C PRO B 85 -26.64 -32.59 -13.72
N ALA B 86 -25.47 -31.97 -13.84
CA ALA B 86 -25.34 -30.60 -14.37
C ALA B 86 -25.91 -29.49 -13.46
N THR B 87 -26.02 -29.79 -12.19
CA THR B 87 -26.19 -28.77 -11.17
C THR B 87 -24.95 -27.86 -11.12
N LEU B 88 -25.19 -26.60 -10.81
CA LEU B 88 -24.15 -25.61 -10.68
C LEU B 88 -23.70 -25.49 -9.22
N PHE B 89 -22.42 -25.79 -8.98
CA PHE B 89 -21.81 -25.62 -7.66
C PHE B 89 -20.96 -24.34 -7.58
N ILE B 90 -21.23 -23.52 -6.58
CA ILE B 90 -20.40 -22.37 -6.30
C ILE B 90 -19.81 -22.52 -4.90
N ASP B 91 -18.48 -22.61 -4.85
CA ASP B 91 -17.77 -22.54 -3.58
C ASP B 91 -17.27 -21.14 -3.29
N SER B 92 -17.91 -20.49 -2.32
CA SER B 92 -17.57 -19.13 -1.92
C SER B 92 -16.75 -19.12 -0.63
N SER B 93 -16.35 -20.31 -0.14
CA SER B 93 -15.32 -20.46 0.89
C SER B 93 -13.98 -19.88 0.40
N THR B 94 -13.15 -19.48 1.37
CA THR B 94 -11.78 -19.08 1.12
C THR B 94 -10.87 -20.26 1.47
N ILE B 95 -10.33 -20.90 0.43
CA ILE B 95 -9.48 -22.08 0.54
C ILE B 95 -8.26 -21.93 -0.40
N SER B 96 -7.32 -22.87 -0.27
CA SER B 96 -6.07 -22.83 -1.06
C SER B 96 -6.37 -23.01 -2.53
N VAL B 97 -5.50 -22.44 -3.36
CA VAL B 97 -5.68 -22.58 -4.77
C VAL B 97 -5.66 -24.08 -5.15
N THR B 98 -4.80 -24.84 -4.47
CA THR B 98 -4.69 -26.26 -4.75
C THR B 98 -6.01 -26.96 -4.42
N ASP B 99 -6.52 -26.68 -3.22
CA ASP B 99 -7.78 -27.26 -2.83
C ASP B 99 -8.91 -26.92 -3.80
N ALA B 100 -8.98 -25.66 -4.22
CA ALA B 100 -9.96 -25.20 -5.16
C ALA B 100 -10.01 -25.96 -6.48
N ARG B 101 -8.84 -26.14 -7.07
CA ARG B 101 -8.72 -26.93 -8.32
C ARG B 101 -9.01 -28.41 -8.11
N GLU B 102 -8.61 -28.94 -6.95
CA GLU B 102 -8.98 -30.28 -6.61
C GLU B 102 -10.50 -30.42 -6.56
N VAL B 103 -11.17 -29.59 -5.78
CA VAL B 103 -12.65 -29.75 -5.66
C VAL B 103 -13.40 -29.39 -6.94
N HIS B 104 -12.85 -28.45 -7.72
CA HIS B 104 -13.42 -28.14 -9.00
C HIS B 104 -13.43 -29.37 -9.91
N ALA B 105 -12.29 -30.03 -10.02
CA ALA B 105 -12.16 -31.26 -10.79
C ALA B 105 -13.10 -32.35 -10.30
N LEU B 106 -13.23 -32.44 -8.98
CA LEU B 106 -14.06 -33.49 -8.41
C LEU B 106 -15.51 -33.25 -8.83
N ALA B 107 -15.94 -32.02 -8.70
CA ALA B 107 -17.29 -31.64 -9.11
C ALA B 107 -17.56 -31.95 -10.59
N GLU B 108 -16.60 -31.59 -11.45
CA GLU B 108 -16.81 -31.81 -12.86
C GLU B 108 -16.81 -33.27 -13.26
N SER B 109 -16.11 -34.11 -12.51
CA SER B 109 -16.05 -35.56 -12.78
C SER B 109 -17.34 -36.25 -12.38
N HIS B 110 -18.10 -35.60 -11.47
CA HIS B 110 -19.49 -36.00 -11.17
C HIS B 110 -20.52 -35.38 -12.07
N GLY B 111 -20.12 -34.67 -13.12
CA GLY B 111 -21.09 -34.05 -14.08
C GLY B 111 -21.69 -32.71 -13.64
N MET B 112 -21.07 -32.05 -12.64
CA MET B 112 -21.53 -30.75 -12.12
C MET B 112 -20.69 -29.60 -12.67
N LEU B 113 -21.33 -28.46 -12.89
CA LEU B 113 -20.64 -27.22 -13.20
C LEU B 113 -20.03 -26.71 -11.88
N GLN B 114 -18.87 -26.08 -11.91
CA GLN B 114 -18.35 -25.52 -10.66
C GLN B 114 -17.52 -24.26 -10.82
N LEU B 115 -17.73 -23.33 -9.88
CA LEU B 115 -16.94 -22.09 -9.79
C LEU B 115 -16.33 -21.93 -8.41
N ASP B 116 -15.17 -21.25 -8.33
CA ASP B 116 -14.69 -20.74 -7.04
C ASP B 116 -15.05 -19.31 -7.06
N ALA B 117 -15.76 -18.87 -6.04
CA ALA B 117 -16.16 -17.49 -5.90
C ALA B 117 -16.02 -16.98 -4.45
N PRO B 118 -14.81 -16.95 -3.92
CA PRO B 118 -14.60 -16.39 -2.61
C PRO B 118 -14.89 -14.89 -2.57
N VAL B 119 -15.16 -14.38 -1.38
CA VAL B 119 -15.69 -13.04 -1.22
C VAL B 119 -14.89 -12.23 -0.26
N SER B 120 -14.87 -10.93 -0.47
CA SER B 120 -14.41 -9.97 0.51
C SER B 120 -15.58 -9.04 0.93
N GLY B 121 -15.49 -8.49 2.13
CA GLY B 121 -16.49 -7.58 2.68
C GLY B 121 -16.96 -7.95 4.09
N GLY B 122 -16.70 -9.19 4.53
CA GLY B 122 -16.98 -9.61 5.89
C GLY B 122 -18.45 -9.72 6.15
N VAL B 123 -18.80 -9.88 7.41
CA VAL B 123 -20.22 -10.04 7.78
C VAL B 123 -21.06 -8.81 7.36
N LYS B 124 -20.49 -7.63 7.46
CA LYS B 124 -21.20 -6.41 7.07
C LYS B 124 -21.46 -6.31 5.59
N GLY B 125 -20.48 -6.70 4.79
CA GLY B 125 -20.70 -6.82 3.37
C GLY B 125 -21.80 -7.83 3.03
N ALA B 126 -21.81 -8.92 3.78
CA ALA B 126 -22.69 -10.04 3.55
C ALA B 126 -24.14 -9.62 3.80
N ALA B 127 -24.36 -8.95 4.90
CA ALA B 127 -25.71 -8.54 5.28
C ALA B 127 -26.25 -7.48 4.32
N ALA B 128 -25.40 -6.52 3.97
CA ALA B 128 -25.78 -5.45 3.02
C ALA B 128 -25.77 -5.88 1.58
N ALA B 129 -25.41 -7.13 1.29
CA ALA B 129 -25.26 -7.58 -0.09
C ALA B 129 -24.30 -6.64 -0.92
N THR B 130 -23.18 -6.28 -0.31
CA THR B 130 -22.11 -5.50 -0.99
C THR B 130 -20.78 -6.23 -1.10
N LEU B 131 -20.79 -7.55 -0.97
CA LEU B 131 -19.59 -8.37 -1.10
C LEU B 131 -18.98 -8.27 -2.50
N ALA B 132 -17.66 -8.36 -2.57
CA ALA B 132 -17.00 -8.61 -3.85
C ALA B 132 -16.81 -10.10 -4.05
N PHE B 133 -17.37 -10.65 -5.12
CA PHE B 133 -17.10 -12.05 -5.53
C PHE B 133 -15.99 -12.04 -6.55
N MET B 134 -14.96 -12.83 -6.28
CA MET B 134 -13.85 -13.00 -7.20
C MET B 134 -13.93 -14.42 -7.69
N VAL B 135 -14.20 -14.57 -8.98
CA VAL B 135 -14.67 -15.83 -9.61
C VAL B 135 -13.62 -16.46 -10.52
N GLY B 136 -13.46 -17.77 -10.38
CA GLY B 136 -12.61 -18.60 -11.24
C GLY B 136 -13.48 -19.67 -11.87
N GLY B 137 -13.29 -19.93 -13.16
CA GLY B 137 -14.06 -20.93 -13.90
C GLY B 137 -14.42 -20.45 -15.29
N ASP B 138 -15.38 -21.09 -15.95
CA ASP B 138 -15.78 -20.77 -17.34
C ASP B 138 -16.64 -19.56 -17.36
N GLU B 139 -16.47 -18.75 -18.39
CA GLU B 139 -17.29 -17.57 -18.53
C GLU B 139 -18.78 -17.88 -18.69
N SER B 140 -19.10 -18.93 -19.43
CA SER B 140 -20.48 -19.31 -19.63
C SER B 140 -21.15 -19.76 -18.30
N THR B 141 -20.43 -20.54 -17.51
CA THR B 141 -20.89 -20.94 -16.17
C THR B 141 -21.14 -19.72 -15.25
N LEU B 142 -20.27 -18.71 -15.34
CA LEU B 142 -20.47 -17.51 -14.56
C LEU B 142 -21.72 -16.78 -15.06
N ARG B 143 -21.94 -16.82 -16.36
CA ARG B 143 -23.12 -16.22 -17.00
C ARG B 143 -24.37 -16.84 -16.38
N ARG B 144 -24.42 -18.16 -16.37
CA ARG B 144 -25.51 -18.87 -15.70
C ARG B 144 -25.70 -18.43 -14.23
N ALA B 145 -24.59 -18.27 -13.50
CA ALA B 145 -24.58 -18.02 -12.08
C ALA B 145 -24.91 -16.59 -11.65
N ARG B 146 -24.71 -15.66 -12.55
CA ARG B 146 -24.91 -14.26 -12.33
C ARG B 146 -26.16 -13.85 -11.57
N PRO B 147 -27.33 -14.27 -12.01
CA PRO B 147 -28.55 -13.89 -11.26
C PRO B 147 -28.68 -14.45 -9.81
N VAL B 148 -27.93 -15.52 -9.48
CA VAL B 148 -27.81 -16.05 -8.12
C VAL B 148 -26.84 -15.21 -7.29
N LEU B 149 -25.72 -14.81 -7.89
CA LEU B 149 -24.74 -13.97 -7.19
C LEU B 149 -25.14 -12.50 -6.98
N GLU B 150 -25.79 -11.89 -7.98
CA GLU B 150 -26.19 -10.47 -7.90
C GLU B 150 -26.92 -10.08 -6.59
N PRO B 151 -27.94 -10.83 -6.14
CA PRO B 151 -28.55 -10.41 -4.88
C PRO B 151 -27.69 -10.39 -3.65
N MET B 152 -26.47 -10.93 -3.74
CA MET B 152 -25.55 -10.99 -2.61
C MET B 152 -24.35 -10.03 -2.78
N ALA B 153 -24.21 -9.41 -3.95
CA ALA B 153 -22.96 -8.80 -4.38
C ALA B 153 -22.99 -7.27 -4.63
N GLY B 154 -21.90 -6.62 -4.26
CA GLY B 154 -21.55 -5.27 -4.70
C GLY B 154 -20.77 -5.37 -6.01
N LYS B 155 -19.91 -6.36 -6.14
CA LYS B 155 -19.09 -6.58 -7.31
C LYS B 155 -18.89 -8.09 -7.61
N ILE B 156 -18.82 -8.43 -8.89
CA ILE B 156 -18.55 -9.78 -9.37
C ILE B 156 -17.46 -9.60 -10.40
N ILE B 157 -16.31 -10.23 -10.19
CA ILE B 157 -15.19 -10.11 -11.13
C ILE B 157 -14.77 -11.47 -11.58
N HIS B 158 -14.74 -11.67 -12.88
CA HIS B 158 -14.17 -12.89 -13.43
C HIS B 158 -12.64 -12.80 -13.43
N CYS B 159 -11.98 -13.71 -12.72
CA CYS B 159 -10.53 -13.64 -12.53
C CYS B 159 -9.77 -14.54 -13.50
N GLY B 160 -10.41 -15.54 -14.09
CA GLY B 160 -9.76 -16.44 -14.99
C GLY B 160 -10.32 -17.85 -14.76
N ALA B 161 -9.50 -18.87 -15.02
CA ALA B 161 -9.94 -20.28 -14.87
C ALA B 161 -10.05 -20.73 -13.41
N ALA B 162 -10.59 -21.91 -13.21
CA ALA B 162 -10.81 -22.50 -11.88
C ALA B 162 -9.62 -22.26 -10.95
N GLY B 163 -9.90 -21.74 -9.77
CA GLY B 163 -8.86 -21.31 -8.86
C GLY B 163 -8.41 -19.86 -8.92
N ALA B 164 -8.70 -19.16 -10.02
CA ALA B 164 -8.25 -17.75 -10.18
C ALA B 164 -8.92 -16.77 -9.20
N GLY B 165 -10.10 -17.15 -8.70
CA GLY B 165 -10.77 -16.36 -7.68
C GLY B 165 -10.00 -16.42 -6.38
N GLN B 166 -9.67 -17.62 -5.97
CA GLN B 166 -8.93 -17.84 -4.75
C GLN B 166 -7.57 -17.19 -4.90
N ALA B 167 -7.00 -17.31 -6.11
CA ALA B 167 -5.65 -16.76 -6.37
C ALA B 167 -5.64 -15.23 -6.25
N ALA B 168 -6.61 -14.57 -6.88
CA ALA B 168 -6.70 -13.12 -6.83
C ALA B 168 -6.88 -12.61 -5.38
N LYS B 169 -7.75 -13.28 -4.66
CA LYS B 169 -8.03 -12.92 -3.29
C LYS B 169 -6.80 -13.00 -2.40
N VAL B 170 -6.13 -14.14 -2.46
CA VAL B 170 -5.04 -14.43 -1.57
C VAL B 170 -3.87 -13.48 -1.93
N CYS B 171 -3.73 -13.12 -3.20
CA CYS B 171 -2.67 -12.18 -3.60
C CYS B 171 -2.95 -10.79 -3.04
N ASN B 172 -4.20 -10.32 -3.19
CA ASN B 172 -4.59 -9.04 -2.62
C ASN B 172 -4.38 -8.99 -1.12
N ASN B 173 -4.77 -10.05 -0.43
CA ASN B 173 -4.78 -10.03 1.02
C ASN B 173 -3.35 -10.12 1.58
N MET B 174 -2.45 -10.75 0.84
CA MET B 174 -1.04 -10.76 1.20
C MET B 174 -0.50 -9.33 1.17
N VAL B 175 -0.71 -8.68 0.04
CA VAL B 175 -0.36 -7.25 -0.11
C VAL B 175 -0.95 -6.43 1.04
N LEU B 176 -2.22 -6.62 1.31
CA LEU B 176 -2.85 -5.89 2.39
C LEU B 176 -2.16 -6.04 3.74
N ALA B 177 -1.84 -7.27 4.10
CA ALA B 177 -1.17 -7.57 5.35
C ALA B 177 0.15 -6.83 5.44
N VAL B 178 0.90 -6.83 4.36
CA VAL B 178 2.19 -6.15 4.29
C VAL B 178 2.00 -4.64 4.50
N GLN B 179 1.01 -4.06 3.81
CA GLN B 179 0.65 -2.64 3.94
C GLN B 179 0.23 -2.25 5.34
N GLN B 180 -0.48 -3.14 6.03
CA GLN B 180 -0.98 -2.83 7.37
C GLN B 180 0.11 -2.80 8.38
N ILE B 181 1.07 -3.71 8.25
CA ILE B 181 2.27 -3.69 9.09
C ILE B 181 3.14 -2.44 8.76
N ALA B 182 3.34 -2.17 7.48
CA ALA B 182 4.18 -1.06 7.05
C ALA B 182 3.68 0.30 7.51
N ILE B 183 2.34 0.47 7.43
CA ILE B 183 1.69 1.67 7.86
C ILE B 183 1.86 1.79 9.36
N ALA B 184 1.64 0.70 10.08
CA ALA B 184 1.83 0.72 11.54
C ALA B 184 3.29 1.13 11.89
N GLU B 185 4.25 0.57 11.18
CA GLU B 185 5.65 0.91 11.39
C GLU B 185 5.95 2.42 11.18
N ALA B 186 5.43 3.00 10.10
CA ALA B 186 5.58 4.42 9.83
C ALA B 186 4.97 5.26 10.95
N PHE B 187 3.77 4.88 11.44
CA PHE B 187 3.10 5.67 12.50
C PHE B 187 3.89 5.64 13.83
N VAL B 188 4.53 4.52 14.15
CA VAL B 188 5.29 4.46 15.36
C VAL B 188 6.61 5.20 15.25
N LEU B 189 7.27 5.07 14.09
CA LEU B 189 8.51 5.79 13.82
C LEU B 189 8.28 7.30 13.86
N ALA B 190 7.22 7.72 13.21
CA ALA B 190 6.76 9.11 13.26
C ALA B 190 6.64 9.62 14.71
N GLU B 191 5.97 8.82 15.52
CA GLU B 191 5.78 9.11 16.93
C GLU B 191 7.12 9.27 17.66
N LYS B 192 8.06 8.38 17.38
CA LYS B 192 9.37 8.48 18.00
C LYS B 192 10.17 9.67 17.45
N LEU B 193 9.88 10.07 16.22
CA LEU B 193 10.51 11.22 15.60
C LEU B 193 9.91 12.57 16.01
N GLY B 194 8.83 12.55 16.76
CA GLY B 194 8.03 13.74 17.04
C GLY B 194 7.16 14.27 15.92
N LEU B 195 6.89 13.45 14.90
CA LEU B 195 5.96 13.77 13.85
C LEU B 195 4.55 13.37 14.33
N SER B 196 3.56 14.27 14.30
CA SER B 196 2.22 13.93 14.81
C SER B 196 1.52 12.92 13.90
N ALA B 197 0.60 12.15 14.48
CA ALA B 197 -0.09 11.13 13.75
C ALA B 197 -0.93 11.81 12.68
N GLN B 198 -1.64 12.88 13.04
CA GLN B 198 -2.43 13.61 12.07
C GLN B 198 -1.58 14.09 10.89
N SER B 199 -0.35 14.55 11.18
CA SER B 199 0.52 15.09 10.12
C SER B 199 0.94 14.00 9.17
N LEU B 200 1.42 12.88 9.75
CA LEU B 200 1.80 11.73 8.96
C LEU B 200 0.64 11.22 8.13
N PHE B 201 -0.54 11.15 8.71
CA PHE B 201 -1.74 10.77 7.96
C PHE B 201 -1.97 11.65 6.73
N ASP B 202 -1.91 12.97 6.92
CA ASP B 202 -2.17 13.92 5.85
C ASP B 202 -1.17 13.75 4.73
N VAL B 203 0.04 13.44 5.10
CA VAL B 203 1.10 13.28 4.07
C VAL B 203 0.94 12.02 3.28
N ILE B 204 0.86 10.87 3.98
CA ILE B 204 0.86 9.56 3.30
C ILE B 204 -0.35 9.49 2.41
N THR B 205 -1.49 9.97 2.91
CA THR B 205 -2.73 9.89 2.13
C THR B 205 -2.72 10.81 0.95
N GLY B 206 -1.93 11.90 1.02
CA GLY B 206 -1.76 12.79 -0.11
C GLY B 206 -0.62 12.39 -1.03
N ALA B 207 0.09 11.30 -0.73
CA ALA B 207 1.34 10.96 -1.40
C ALA B 207 1.33 9.49 -1.92
N THR B 208 2.46 9.04 -2.41
CA THR B 208 2.58 7.73 -3.03
C THR B 208 2.28 6.53 -2.08
N GLY B 209 2.44 6.75 -0.78
CA GLY B 209 2.16 5.73 0.20
C GLY B 209 0.69 5.46 0.52
N ASN B 210 -0.26 6.23 -0.02
CA ASN B 210 -1.67 6.08 0.36
C ASN B 210 -2.18 4.69 0.04
N CYS B 211 -3.05 4.20 0.93
CA CYS B 211 -3.66 2.86 0.75
C CYS B 211 -4.70 2.70 1.79
N TRP B 212 -5.61 1.75 1.56
CA TRP B 212 -6.73 1.47 2.47
C TRP B 212 -6.31 1.24 3.91
N ALA B 213 -5.17 0.62 4.13
CA ALA B 213 -4.68 0.39 5.50
C ALA B 213 -4.42 1.70 6.27
N VAL B 214 -4.20 2.80 5.55
CA VAL B 214 -4.14 4.09 6.20
C VAL B 214 -5.41 4.87 6.05
N HIS B 215 -5.94 5.02 4.83
CA HIS B 215 -7.07 5.94 4.64
C HIS B 215 -8.38 5.48 5.29
N THR B 216 -8.56 4.19 5.39
CA THR B 216 -9.72 3.61 6.02
C THR B 216 -9.38 2.93 7.37
N ASN B 217 -8.24 2.23 7.46
CA ASN B 217 -7.95 1.37 8.61
C ASN B 217 -6.85 1.93 9.52
N CYS B 218 -6.59 3.25 9.41
CA CYS B 218 -5.55 3.94 10.18
C CYS B 218 -5.36 3.35 11.61
N PRO B 219 -4.17 2.82 11.88
CA PRO B 219 -3.98 2.05 13.12
C PRO B 219 -3.74 2.88 14.39
N VAL B 220 -3.78 4.21 14.31
CA VAL B 220 -3.76 5.09 15.49
C VAL B 220 -5.08 5.79 15.54
N PRO B 221 -5.61 6.01 16.74
CA PRO B 221 -6.88 6.69 16.84
C PRO B 221 -6.75 8.15 16.50
N GLY B 222 -7.75 8.70 15.82
CA GLY B 222 -7.88 10.15 15.63
C GLY B 222 -8.13 10.59 14.21
N PRO B 223 -7.19 10.27 13.32
CA PRO B 223 -7.32 10.75 11.94
C PRO B 223 -8.51 10.21 11.14
N VAL B 224 -8.89 8.96 11.35
CA VAL B 224 -10.05 8.34 10.69
C VAL B 224 -10.95 7.77 11.81
N PRO B 225 -11.92 8.57 12.29
CA PRO B 225 -12.65 8.15 13.51
C PRO B 225 -13.44 6.84 13.39
N THR B 226 -13.71 6.41 12.15
CA THR B 226 -14.40 5.16 11.91
C THR B 226 -13.49 3.88 11.97
N SER B 227 -12.15 4.06 12.00
CA SER B 227 -11.21 2.95 11.95
C SER B 227 -11.24 2.23 13.30
N PRO B 228 -10.93 0.91 13.32
CA PRO B 228 -10.93 0.05 14.52
C PRO B 228 -10.06 0.56 15.71
N ALA B 229 -8.95 1.26 15.42
CA ALA B 229 -8.12 1.93 16.47
C ALA B 229 -8.91 2.83 17.40
N ASN B 230 -10.03 3.38 16.92
CA ASN B 230 -10.86 4.25 17.74
C ASN B 230 -11.89 3.45 18.59
N ASN B 231 -11.86 2.13 18.48
CA ASN B 231 -12.89 1.34 19.01
C ASN B 231 -12.36 0.09 19.64
N ASP B 232 -11.31 0.27 20.45
CA ASP B 232 -10.61 -0.83 21.11
C ASP B 232 -10.10 -1.98 20.17
N PHE B 233 -9.81 -1.65 18.91
CA PHE B 233 -9.49 -2.62 17.84
C PHE B 233 -10.50 -3.76 17.66
N LYS B 234 -11.77 -3.44 17.78
CA LYS B 234 -12.82 -4.40 17.44
C LYS B 234 -12.80 -4.64 15.95
N PRO B 235 -12.86 -5.92 15.50
CA PRO B 235 -12.93 -6.14 14.05
C PRO B 235 -14.24 -5.56 13.57
N GLY B 236 -14.35 -5.00 12.37
CA GLY B 236 -13.35 -5.05 11.32
C GLY B 236 -12.98 -6.40 10.70
N PHE B 237 -11.72 -6.57 10.47
CA PHE B 237 -11.14 -7.74 9.85
C PHE B 237 -10.21 -8.36 10.91
N SER B 238 -10.62 -9.42 11.55
CA SER B 238 -9.86 -9.97 12.68
C SER B 238 -8.50 -10.52 12.27
N THR B 239 -7.60 -10.49 13.22
CA THR B 239 -6.29 -11.11 13.10
C THR B 239 -6.40 -12.60 12.76
N ALA B 240 -7.40 -13.28 13.35
CA ALA B 240 -7.66 -14.69 13.07
C ALA B 240 -7.87 -14.94 11.60
N LEU B 241 -8.71 -14.15 10.97
CA LEU B 241 -9.00 -14.32 9.56
C LEU B 241 -7.84 -13.88 8.67
N MET B 242 -7.15 -12.79 9.03
CA MET B 242 -5.95 -12.38 8.27
C MET B 242 -4.87 -13.47 8.33
N ASN B 243 -4.68 -14.03 9.52
CA ASN B 243 -3.72 -15.08 9.69
C ASN B 243 -4.10 -16.33 8.85
N LYS B 244 -5.38 -16.65 8.81
CA LYS B 244 -5.84 -17.70 7.90
C LYS B 244 -5.47 -17.40 6.44
N ASP B 245 -5.77 -16.20 5.96
CA ASP B 245 -5.51 -15.87 4.55
C ASP B 245 -4.02 -15.89 4.25
N LEU B 246 -3.21 -15.52 5.24
CA LEU B 246 -1.76 -15.53 5.08
C LEU B 246 -1.22 -16.96 5.04
N GLY B 247 -1.83 -17.85 5.82
CA GLY B 247 -1.53 -19.29 5.71
C GLY B 247 -1.79 -19.81 4.30
N LEU B 248 -2.89 -19.38 3.73
CA LEU B 248 -3.25 -19.76 2.37
C LEU B 248 -2.28 -19.12 1.38
N ALA B 249 -1.92 -17.87 1.60
CA ALA B 249 -0.80 -17.28 0.79
C ALA B 249 0.49 -18.10 0.87
N MET B 250 0.88 -18.51 2.07
CA MET B 250 2.09 -19.29 2.24
C MET B 250 1.95 -20.68 1.59
N ASP B 251 0.75 -21.29 1.67
CA ASP B 251 0.44 -22.51 0.86
C ASP B 251 0.68 -22.27 -0.63
N ALA B 252 0.16 -21.18 -1.16
CA ALA B 252 0.35 -20.86 -2.57
C ALA B 252 1.87 -20.63 -2.95
N VAL B 253 2.56 -19.93 -2.08
CA VAL B 253 3.99 -19.71 -2.25
C VAL B 253 4.70 -21.06 -2.27
N ALA B 254 4.37 -21.92 -1.31
CA ALA B 254 5.01 -23.21 -1.20
C ALA B 254 4.68 -24.06 -2.41
N ALA B 255 3.43 -24.03 -2.85
CA ALA B 255 3.02 -24.82 -4.00
C ALA B 255 3.69 -24.39 -5.31
N THR B 256 4.05 -23.12 -5.42
CA THR B 256 4.60 -22.58 -6.64
C THR B 256 6.14 -22.41 -6.63
N GLY B 257 6.79 -22.47 -5.47
CA GLY B 257 8.19 -22.05 -5.38
C GLY B 257 8.43 -20.55 -5.60
N ALA B 258 7.38 -19.73 -5.45
CA ALA B 258 7.51 -18.29 -5.61
C ALA B 258 8.36 -17.78 -4.47
N THR B 259 8.95 -16.61 -4.66
CA THR B 259 9.66 -15.97 -3.58
C THR B 259 8.82 -14.73 -3.24
N ALA B 260 8.45 -14.63 -1.97
CA ALA B 260 7.73 -13.51 -1.43
C ALA B 260 8.30 -13.14 -0.03
N PRO B 261 9.43 -12.45 0.00
CA PRO B 261 10.11 -12.14 1.25
C PRO B 261 9.23 -11.42 2.28
N LEU B 262 8.57 -10.35 1.86
CA LEU B 262 7.81 -9.51 2.78
C LEU B 262 6.48 -10.15 3.05
N GLY B 263 5.86 -10.73 2.02
CA GLY B 263 4.63 -11.51 2.25
C GLY B 263 4.81 -12.58 3.32
N SER B 264 5.87 -13.35 3.21
CA SER B 264 6.23 -14.36 4.23
C SER B 264 6.62 -13.79 5.61
N HIS B 265 7.37 -12.69 5.61
CA HIS B 265 7.69 -12.01 6.90
C HIS B 265 6.40 -11.55 7.60
N ALA B 266 5.53 -10.94 6.83
CA ALA B 266 4.23 -10.54 7.33
C ALA B 266 3.44 -11.73 7.84
N ALA B 267 3.59 -12.88 7.16
CA ALA B 267 2.92 -14.11 7.61
C ALA B 267 3.42 -14.54 8.99
N ASP B 268 4.71 -14.49 9.19
N ASP B 268 4.74 -14.51 9.17
CA ASP B 268 5.26 -14.89 10.48
CA ASP B 268 5.37 -14.85 10.47
C ASP B 268 4.90 -13.91 11.61
C ASP B 268 4.88 -13.91 11.58
N ILE B 269 4.88 -12.61 11.28
CA ILE B 269 4.39 -11.57 12.20
C ILE B 269 2.93 -11.80 12.59
N TYR B 270 2.06 -12.05 11.62
CA TYR B 270 0.64 -12.22 12.00
C TYR B 270 0.38 -13.55 12.72
N ALA B 271 1.20 -14.55 12.46
CA ALA B 271 1.02 -15.83 13.16
C ALA B 271 1.36 -15.70 14.65
N LYS B 272 2.40 -14.95 14.96
CA LYS B 272 2.75 -14.73 16.36
C LYS B 272 1.70 -13.92 17.04
N PHE B 273 1.29 -12.82 16.41
CA PHE B 273 0.23 -11.96 16.91
C PHE B 273 -1.10 -12.71 17.11
N ALA B 274 -1.43 -13.62 16.20
CA ALA B 274 -2.69 -14.43 16.28
C ALA B 274 -2.79 -15.27 17.55
N ALA B 275 -1.66 -15.70 18.08
CA ALA B 275 -1.64 -16.58 19.25
C ALA B 275 -2.38 -15.99 20.41
N ASP B 276 -2.14 -14.71 20.65
CA ASP B 276 -2.78 -14.04 21.77
C ASP B 276 -3.76 -12.92 21.39
N HIS B 277 -3.81 -12.50 20.13
CA HIS B 277 -4.68 -11.43 19.74
C HIS B 277 -5.51 -11.76 18.53
N ALA B 278 -5.98 -13.03 18.48
CA ALA B 278 -6.75 -13.52 17.33
C ALA B 278 -8.00 -12.69 17.15
N ASP B 279 -8.51 -12.17 18.26
CA ASP B 279 -9.78 -11.45 18.40
C ASP B 279 -9.73 -9.96 18.00
N LEU B 280 -8.55 -9.39 17.89
CA LEU B 280 -8.43 -7.96 17.58
C LEU B 280 -8.36 -7.77 16.07
N ASP B 281 -8.78 -6.61 15.61
CA ASP B 281 -8.64 -6.25 14.20
C ASP B 281 -7.17 -6.40 13.78
N PHE B 282 -6.92 -6.79 12.54
CA PHE B 282 -5.52 -6.97 12.10
C PHE B 282 -4.63 -5.67 12.18
N SER B 283 -5.28 -4.51 12.26
CA SER B 283 -4.54 -3.26 12.42
C SER B 283 -3.88 -3.16 13.82
N ALA B 284 -4.35 -3.97 14.78
CA ALA B 284 -3.82 -3.99 16.12
C ALA B 284 -2.34 -4.47 16.22
N VAL B 285 -1.82 -5.02 15.14
CA VAL B 285 -0.43 -5.42 15.06
C VAL B 285 0.53 -4.25 15.43
N ILE B 286 0.05 -3.01 15.31
CA ILE B 286 0.77 -1.84 15.78
C ILE B 286 1.27 -1.97 17.23
N HIS B 287 0.50 -2.68 18.07
CA HIS B 287 0.90 -2.99 19.45
C HIS B 287 2.25 -3.69 19.57
N THR B 288 2.56 -4.61 18.67
CA THR B 288 3.87 -5.27 18.69
C THR B 288 5.08 -4.36 18.44
N LEU B 289 4.86 -3.15 17.90
CA LEU B 289 5.92 -2.21 17.57
C LEU B 289 6.16 -1.13 18.64
N ARG B 290 5.45 -1.20 19.77
CA ARG B 290 5.59 -0.19 20.85
C ARG B 290 6.01 -0.76 22.19
N ALA B 291 6.39 0.15 23.11
CA ALA B 291 6.90 -0.13 24.48
C ALA B 291 8.29 -0.73 24.37
CA AKR C . 16.31 40.45 5.01
CB AKR C . 15.42 40.29 6.00
C AKR C . 17.53 39.61 4.91
O AKR C . 18.26 39.59 3.93
OXT AKR C . 17.85 38.91 5.82
C1 GOL D . 17.47 39.24 -13.33
O1 GOL D . 18.17 40.48 -13.61
C2 GOL D . 18.40 38.18 -12.68
O2 GOL D . 18.90 38.75 -11.45
C3 GOL D . 17.69 36.90 -12.34
O3 GOL D . 18.59 35.96 -11.67
O12 9ON E . -0.24 24.20 -4.88
C7 9ON E . 0.24 25.11 -4.23
O10 9ON E . 0.42 25.13 -3.00
C4 9ON E . 0.60 26.32 -5.04
C5 9ON E . 0.47 27.52 -4.10
C3 9ON E . 2.01 26.14 -5.63
C2 9ON E . 2.19 27.02 -6.91
C1 9ON E . 2.61 26.19 -8.18
O8 9ON E . 1.73 25.50 -8.73
O9 9ON E . 3.77 26.31 -8.64
PA NAD F . -18.05 -19.90 10.08
O1A NAD F . -16.87 -20.77 10.54
O2A NAD F . -18.77 -18.87 10.97
O5B NAD F . -19.18 -20.90 9.52
C5B NAD F . -18.82 -22.11 8.88
C4B NAD F . -20.05 -22.95 8.94
O4B NAD F . -19.87 -24.12 8.16
C3B NAD F . -20.31 -23.37 10.37
O3B NAD F . -21.61 -22.92 10.77
C2B NAD F . -20.19 -24.89 10.33
O2B NAD F . -21.04 -25.51 11.32
C1B NAD F . -20.51 -25.18 8.86
N9A NAD F . -20.13 -26.51 8.31
C8A NAD F . -19.06 -27.28 8.63
N7A NAD F . -19.09 -28.45 7.89
C5A NAD F . -20.19 -28.45 7.09
C6A NAD F . -20.82 -29.35 6.06
N6A NAD F . -20.27 -30.52 5.73
N1A NAD F . -21.95 -28.96 5.44
C2A NAD F . -22.55 -27.78 5.73
N3A NAD F . -22.03 -26.90 6.64
C4A NAD F . -20.88 -27.16 7.35
O3 NAD F . -17.47 -19.23 8.74
PN NAD F . -18.13 -17.96 7.99
O1N NAD F . -19.58 -18.30 7.52
O2N NAD F . -17.79 -16.71 8.81
O5D NAD F . -17.12 -17.91 6.74
C5D NAD F . -16.79 -19.12 6.07
C4D NAD F . -15.75 -18.87 4.98
O4D NAD F . -15.77 -17.50 4.52
C3D NAD F . -14.34 -19.14 5.46
O3D NAD F . -13.70 -19.90 4.40
C2D NAD F . -13.82 -17.72 5.76
O2D NAD F . -12.37 -17.62 5.80
C1D NAD F . -14.48 -16.91 4.63
N1N NAD F . -14.61 -15.44 4.78
C2N NAD F . -15.00 -14.90 5.97
C3N NAD F . -15.16 -13.52 6.13
C7N NAD F . -15.60 -13.00 7.46
O7N NAD F . -16.29 -13.70 8.19
N7N NAD F . -15.25 -11.79 7.87
C4N NAD F . -14.92 -12.66 5.06
C5N NAD F . -14.54 -13.22 3.85
C6N NAD F . -14.42 -14.63 3.73
C1 3OH G . -12.72 -5.45 4.54
O1 3OH G . -11.76 -5.87 3.92
O2 3OH G . -12.97 -6.00 5.59
C2 3OH G . -13.90 -4.89 3.77
C3 3OH G . -13.67 -4.89 2.28
O3 3OH G . -13.01 -6.10 1.93
C1 GOL H . -29.75 -27.83 -14.42
O1 GOL H . -29.70 -28.56 -15.66
C2 GOL H . -30.44 -28.64 -13.30
O2 GOL H . -30.83 -29.99 -13.70
C3 GOL H . -29.48 -28.78 -12.12
O3 GOL H . -30.11 -29.47 -11.05
O12 9ON I . -22.27 -7.31 -11.28
C7 9ON I . -22.83 -6.48 -10.53
O10 9ON I . -22.69 -5.25 -10.61
C4 9ON I . -23.64 -7.02 -9.33
C5 9ON I . -22.75 -6.84 -8.12
C3 9ON I . -25.02 -6.30 -9.09
C2 9ON I . -25.75 -6.91 -7.84
C1 9ON I . -26.06 -6.03 -6.54
O8 9ON I . -25.85 -4.78 -6.51
O9 9ON I . -26.53 -6.65 -5.54
#